data_3VZZ
#
_entry.id   3VZZ
#
_cell.length_a   54.136
_cell.length_b   56.078
_cell.length_c   77.523
_cell.angle_alpha   90.00
_cell.angle_beta   108.04
_cell.angle_gamma   90.00
#
_symmetry.space_group_name_H-M   'P 1 21 1'
#
loop_
_entity.id
_entity.type
_entity.pdbx_description
1 polymer 'Heptaprenylglyceryl phosphate synthase'
2 non-polymer 'MAGNESIUM ION'
3 non-polymer 'CHLORIDE ION'
4 non-polymer 'S-[(2E,6E)-3,7,11-TRIMETHYLDODECA-2,6,10-TRIENYL] TRIHYDROGEN THIODIPHOSPHATE'
5 water water
#
_entity_poly.entity_id   1
_entity_poly.type   'polypeptide(L)'
_entity_poly.pdbx_seq_one_letter_code
;MYDVTEWKHVFKLDPNKDLPDEQLEILCESGTDAVIIGGSDGVTEDNVLRMMSKVRRFLVPCVLEVSAIEAIVPGFDLYF
IPSVLNSKNADWIVGMHQKAMKEYGELMSMEEIVAEGYCIANPDCKAAALTEADADLNMDDIVAYARVSELLQLPIFYLE
YSGVLGDIEAVKKTKAVLETSTLFYGGGIKDAETAKQYAEHADVIVVGNAVYEDFDRALKTVAAVKGE
;
_entity_poly.pdbx_strand_id   A,B
#
loop_
_chem_comp.id
_chem_comp.type
_chem_comp.name
_chem_comp.formula
CL non-polymer 'CHLORIDE ION' 'Cl -1'
FPS non-polymer 'S-[(2E,6E)-3,7,11-TRIMETHYLDODECA-2,6,10-TRIENYL] TRIHYDROGEN THIODIPHOSPHATE' 'C15 H28 O6 P2 S'
MG non-polymer 'MAGNESIUM ION' 'Mg 2'
#
# COMPACT_ATOMS: atom_id res chain seq x y z
N MET A 1 -10.47 4.14 16.77
CA MET A 1 -11.18 4.89 15.68
C MET A 1 -12.49 4.14 15.32
N TYR A 2 -13.44 4.85 14.75
CA TYR A 2 -14.69 4.26 14.38
C TYR A 2 -14.39 3.01 13.55
N ASP A 3 -15.15 1.93 13.73
CA ASP A 3 -14.85 0.68 13.04
C ASP A 3 -15.63 0.53 11.76
N VAL A 4 -14.97 0.69 10.61
CA VAL A 4 -15.70 0.59 9.35
C VAL A 4 -16.21 -0.84 9.03
N THR A 5 -15.66 -1.87 9.70
CA THR A 5 -16.16 -3.22 9.45
C THR A 5 -17.62 -3.41 9.96
N GLU A 6 -18.16 -2.45 10.69
CA GLU A 6 -19.53 -2.55 11.16
C GLU A 6 -20.49 -1.69 10.32
N TRP A 7 -19.94 -0.88 9.44
CA TRP A 7 -20.77 0.00 8.61
C TRP A 7 -21.49 -0.76 7.52
N LYS A 8 -22.63 -0.22 7.09
CA LYS A 8 -23.38 -0.81 5.99
C LYS A 8 -23.80 0.26 4.97
N HIS A 9 -23.96 1.50 5.45
CA HIS A 9 -24.41 2.59 4.60
C HIS A 9 -23.73 3.90 4.93
N VAL A 10 -23.33 4.64 3.89
CA VAL A 10 -22.75 5.96 4.09
C VAL A 10 -23.23 6.90 3.01
N PHE A 11 -23.48 8.15 3.37
CA PHE A 11 -23.83 9.18 2.39
C PHE A 11 -22.52 9.93 2.15
N LYS A 12 -22.24 10.24 0.90
CA LYS A 12 -21.05 10.99 0.51
C LYS A 12 -21.56 12.33 -0.07
N LEU A 13 -21.15 13.43 0.52
CA LEU A 13 -21.62 14.75 0.14
C LEU A 13 -20.59 15.55 -0.62
N ASP A 14 -21.10 16.46 -1.46
CA ASP A 14 -20.25 17.33 -2.26
C ASP A 14 -20.16 18.66 -1.50
N PRO A 15 -19.00 18.98 -0.90
CA PRO A 15 -18.88 20.24 -0.17
C PRO A 15 -19.08 21.48 -1.08
N ASN A 16 -19.04 21.31 -2.39
CA ASN A 16 -19.33 22.42 -3.29
C ASN A 16 -20.85 22.66 -3.52
N LYS A 17 -21.73 21.87 -2.90
CA LYS A 17 -23.18 22.05 -3.03
C LYS A 17 -23.72 22.14 -1.62
N ASP A 18 -24.97 22.55 -1.47
CA ASP A 18 -25.56 22.56 -0.11
C ASP A 18 -26.98 22.14 -0.14
N LEU A 19 -27.36 21.36 0.86
CA LEU A 19 -28.71 20.88 0.94
C LEU A 19 -29.58 22.01 1.48
N PRO A 20 -30.81 22.10 0.96
CA PRO A 20 -31.77 23.12 1.35
C PRO A 20 -32.41 22.80 2.67
N ASP A 21 -32.82 23.85 3.35
CA ASP A 21 -33.48 23.75 4.65
C ASP A 21 -32.72 22.93 5.72
N GLU A 22 -33.37 21.88 6.23
CA GLU A 22 -32.79 21.07 7.29
C GLU A 22 -32.44 19.70 6.71
N GLN A 23 -32.18 19.60 5.42
CA GLN A 23 -31.90 18.30 4.87
C GLN A 23 -30.57 17.73 5.34
N LEU A 24 -29.57 18.57 5.58
CA LEU A 24 -28.29 18.03 6.00
C LEU A 24 -28.50 17.40 7.38
N GLU A 25 -29.28 18.06 8.20
CA GLU A 25 -29.51 17.54 9.55
C GLU A 25 -30.30 16.21 9.52
N ILE A 26 -31.33 16.10 8.73
CA ILE A 26 -32.10 14.87 8.61
C ILE A 26 -31.16 13.73 8.12
N LEU A 27 -30.29 14.08 7.21
CA LEU A 27 -29.40 13.08 6.67
C LEU A 27 -28.42 12.61 7.75
N CYS A 28 -27.85 13.54 8.51
CA CYS A 28 -26.92 13.14 9.54
C CYS A 28 -27.63 12.42 10.69
N GLU A 29 -28.95 12.55 10.78
CA GLU A 29 -29.66 11.89 11.85
C GLU A 29 -30.40 10.66 11.30
N SER A 30 -30.10 10.26 10.08
CA SER A 30 -30.86 9.21 9.42
C SER A 30 -30.70 7.74 9.78
N GLY A 31 -29.57 7.38 10.40
CA GLY A 31 -29.35 5.97 10.63
C GLY A 31 -28.17 5.52 9.75
N THR A 32 -27.71 6.39 8.82
CA THR A 32 -26.54 6.09 7.97
C THR A 32 -25.34 5.91 8.89
N ASP A 33 -24.34 5.16 8.43
CA ASP A 33 -23.23 4.88 9.30
C ASP A 33 -22.13 5.91 9.26
N ALA A 34 -22.14 6.79 8.26
CA ALA A 34 -21.11 7.84 8.21
C ALA A 34 -21.45 8.84 7.14
N VAL A 35 -20.91 10.03 7.30
CA VAL A 35 -21.12 11.08 6.32
C VAL A 35 -19.70 11.41 5.86
N ILE A 36 -19.48 11.18 4.57
CA ILE A 36 -18.20 11.38 3.96
C ILE A 36 -18.24 12.62 3.18
N ILE A 37 -17.28 13.54 3.41
CA ILE A 37 -17.19 14.73 2.62
C ILE A 37 -16.21 14.49 1.43
N GLY A 38 -16.75 14.54 0.22
CA GLY A 38 -15.92 14.23 -0.92
C GLY A 38 -15.73 15.33 -1.90
N GLY A 39 -16.41 15.26 -3.03
CA GLY A 39 -16.26 16.28 -4.06
C GLY A 39 -15.45 15.84 -5.27
N SER A 40 -15.88 16.27 -6.45
CA SER A 40 -15.21 15.92 -7.70
C SER A 40 -14.45 17.15 -8.19
N ASP A 41 -14.16 17.21 -9.49
CA ASP A 41 -13.44 18.35 -10.08
C ASP A 41 -12.72 19.22 -9.01
N GLY A 42 -12.06 18.52 -8.07
CA GLY A 42 -11.35 19.18 -6.99
C GLY A 42 -12.25 19.84 -5.94
N VAL A 43 -11.69 20.10 -4.77
CA VAL A 43 -12.45 20.74 -3.68
C VAL A 43 -11.64 21.96 -3.22
N THR A 44 -12.20 22.81 -2.36
CA THR A 44 -11.43 23.93 -1.84
C THR A 44 -11.47 23.85 -0.32
N GLU A 45 -10.45 24.39 0.33
CA GLU A 45 -10.43 24.35 1.76
C GLU A 45 -11.66 25.07 2.34
N ASP A 46 -12.10 26.16 1.72
CA ASP A 46 -13.27 26.87 2.26
C ASP A 46 -14.59 26.06 2.37
N ASN A 47 -14.97 25.39 1.28
CA ASN A 47 -16.21 24.57 1.30
C ASN A 47 -16.05 23.45 2.29
N VAL A 48 -14.87 22.81 2.29
CA VAL A 48 -14.67 21.70 3.23
C VAL A 48 -14.78 22.23 4.62
N LEU A 49 -14.17 23.39 4.82
CA LEU A 49 -14.22 23.99 6.14
C LEU A 49 -15.63 24.23 6.62
N ARG A 50 -16.39 24.86 5.75
CA ARG A 50 -17.79 25.16 6.07
C ARG A 50 -18.58 23.86 6.36
N MET A 51 -18.38 22.83 5.53
CA MET A 51 -19.06 21.53 5.72
C MET A 51 -18.71 20.86 7.03
N MET A 52 -17.43 20.89 7.37
CA MET A 52 -16.97 20.32 8.63
C MET A 52 -17.70 20.97 9.80
N SER A 53 -17.82 22.31 9.76
CA SER A 53 -18.47 22.98 10.90
C SER A 53 -19.91 22.51 11.00
N LYS A 54 -20.50 22.19 9.85
CA LYS A 54 -21.89 21.73 9.87
C LYS A 54 -22.06 20.31 10.36
N VAL A 55 -21.27 19.35 9.86
CA VAL A 55 -21.49 17.97 10.29
C VAL A 55 -20.81 17.48 11.56
N ARG A 56 -19.77 18.16 12.07
CA ARG A 56 -19.12 17.62 13.28
C ARG A 56 -20.03 17.60 14.53
N ARG A 57 -21.06 18.43 14.54
CA ARG A 57 -21.96 18.51 15.71
C ARG A 57 -22.80 17.29 15.94
N PHE A 58 -22.90 16.38 14.98
CA PHE A 58 -23.78 15.20 15.13
C PHE A 58 -23.03 13.97 15.62
N LEU A 59 -23.72 12.95 16.05
CA LEU A 59 -22.97 11.78 16.51
C LEU A 59 -22.34 10.94 15.37
N VAL A 60 -23.02 10.89 14.23
CA VAL A 60 -22.57 10.11 13.10
C VAL A 60 -21.11 10.42 12.77
N PRO A 61 -20.27 9.40 12.53
CA PRO A 61 -18.89 9.80 12.21
C PRO A 61 -18.83 10.65 10.95
N CYS A 62 -17.96 11.65 10.93
CA CYS A 62 -17.82 12.44 9.74
C CYS A 62 -16.39 12.20 9.25
N VAL A 63 -16.29 11.98 7.95
CA VAL A 63 -15.04 11.62 7.28
C VAL A 63 -14.69 12.59 6.19
N LEU A 64 -13.44 12.98 6.13
CA LEU A 64 -13.03 13.81 4.99
C LEU A 64 -12.31 12.83 4.04
N GLU A 65 -12.74 12.75 2.80
CA GLU A 65 -12.02 11.95 1.81
C GLU A 65 -11.00 12.93 1.20
N VAL A 66 -9.74 12.70 1.43
CA VAL A 66 -8.76 13.65 0.98
C VAL A 66 -8.36 13.45 -0.44
N SER A 67 -8.92 14.27 -1.32
CA SER A 67 -8.61 14.20 -2.74
C SER A 67 -7.65 15.31 -3.12
N ALA A 68 -7.38 16.22 -2.21
CA ALA A 68 -6.43 17.30 -2.50
C ALA A 68 -5.75 17.76 -1.23
N ILE A 69 -4.43 17.77 -1.25
CA ILE A 69 -3.63 18.20 -0.12
C ILE A 69 -4.02 19.59 0.36
N GLU A 70 -4.37 20.49 -0.56
CA GLU A 70 -4.74 21.85 -0.16
C GLU A 70 -6.09 21.95 0.54
N ALA A 71 -6.86 20.89 0.51
CA ALA A 71 -8.16 20.98 1.13
C ALA A 71 -8.28 20.23 2.45
N ILE A 72 -7.16 19.87 3.08
CA ILE A 72 -7.21 19.16 4.35
C ILE A 72 -7.65 20.15 5.40
N VAL A 73 -8.55 19.77 6.27
CA VAL A 73 -8.99 20.67 7.31
C VAL A 73 -9.10 19.84 8.59
N PRO A 74 -8.68 20.39 9.72
CA PRO A 74 -8.76 19.64 10.98
C PRO A 74 -10.23 19.56 11.38
N GLY A 75 -10.56 18.68 12.30
CA GLY A 75 -11.94 18.66 12.74
C GLY A 75 -12.84 17.49 12.40
N PHE A 76 -12.42 16.61 11.49
CA PHE A 76 -13.22 15.44 11.11
C PHE A 76 -12.91 14.25 12.01
N ASP A 77 -13.85 13.31 12.15
CA ASP A 77 -13.57 12.13 12.98
C ASP A 77 -12.55 11.25 12.25
N LEU A 78 -12.63 11.19 10.94
CA LEU A 78 -11.71 10.31 10.18
C LEU A 78 -11.34 10.92 8.88
N TYR A 79 -10.16 10.55 8.40
CA TYR A 79 -9.70 11.01 7.10
C TYR A 79 -9.38 9.78 6.22
N PHE A 80 -10.02 9.67 5.06
CA PHE A 80 -9.73 8.58 4.12
C PHE A 80 -8.77 9.16 3.09
N ILE A 81 -7.65 8.50 2.85
CA ILE A 81 -6.69 8.98 1.87
C ILE A 81 -6.67 7.91 0.78
N PRO A 82 -7.21 8.22 -0.38
CA PRO A 82 -7.22 7.19 -1.43
C PRO A 82 -5.98 6.94 -2.18
N SER A 83 -5.81 5.69 -2.60
CA SER A 83 -4.73 5.32 -3.53
C SER A 83 -5.54 4.81 -4.72
N VAL A 84 -5.47 5.50 -5.86
CA VAL A 84 -6.16 5.03 -7.05
C VAL A 84 -5.28 3.93 -7.67
N LEU A 85 -5.57 2.71 -7.29
CA LEU A 85 -4.74 1.59 -7.69
C LEU A 85 -4.55 1.44 -9.17
N ASN A 86 -5.58 1.80 -9.95
CA ASN A 86 -5.47 1.70 -11.39
C ASN A 86 -5.07 3.02 -12.09
N SER A 87 -4.54 3.97 -11.32
CA SER A 87 -4.03 5.23 -11.90
C SER A 87 -2.71 5.02 -12.70
N LYS A 88 -2.47 5.82 -13.74
CA LYS A 88 -1.18 5.69 -14.47
C LYS A 88 -0.21 6.75 -13.92
N ASN A 89 -0.69 7.52 -12.98
CA ASN A 89 0.13 8.57 -12.42
C ASN A 89 0.52 8.17 -10.95
N ALA A 90 1.79 7.89 -10.69
CA ALA A 90 2.15 7.57 -9.30
C ALA A 90 1.65 8.62 -8.31
N ASP A 91 1.41 9.84 -8.76
CA ASP A 91 0.95 10.85 -7.78
C ASP A 91 -0.39 10.56 -7.10
N TRP A 92 -1.21 9.73 -7.76
CA TRP A 92 -2.50 9.34 -7.25
C TRP A 92 -2.41 8.04 -6.54
N ILE A 93 -1.24 7.42 -6.52
CA ILE A 93 -1.12 6.14 -5.80
C ILE A 93 -0.41 6.34 -4.46
N VAL A 94 0.72 7.04 -4.48
CA VAL A 94 1.53 7.28 -3.26
C VAL A 94 1.94 8.72 -3.06
N GLY A 95 2.02 9.49 -4.14
CA GLY A 95 2.42 10.90 -4.02
C GLY A 95 1.59 11.76 -3.07
N MET A 96 0.28 11.56 -3.04
CA MET A 96 -0.56 12.38 -2.18
C MET A 96 -0.19 12.09 -0.74
N HIS A 97 -0.04 10.80 -0.44
CA HIS A 97 0.30 10.39 0.90
C HIS A 97 1.65 11.00 1.36
N GLN A 98 2.64 10.96 0.47
CA GLN A 98 4.00 11.41 0.76
C GLN A 98 4.05 12.91 0.96
N LYS A 99 3.21 13.63 0.21
CA LYS A 99 3.12 15.11 0.34
C LYS A 99 2.47 15.48 1.66
N ALA A 100 1.40 14.79 1.96
CA ALA A 100 0.72 15.05 3.19
C ALA A 100 1.65 14.76 4.36
N MET A 101 2.45 13.69 4.21
CA MET A 101 3.31 13.33 5.30
C MET A 101 4.45 14.35 5.41
N LYS A 102 4.93 14.80 4.28
CA LYS A 102 6.04 15.74 4.26
C LYS A 102 5.64 17.17 4.60
N GLU A 103 4.47 17.57 4.15
CA GLU A 103 3.99 18.93 4.40
C GLU A 103 3.15 19.14 5.64
N TYR A 104 2.45 18.06 6.07
CA TYR A 104 1.57 18.11 7.24
C TYR A 104 1.74 16.93 8.17
N GLY A 105 2.98 16.53 8.30
CA GLY A 105 3.28 15.40 9.17
C GLY A 105 2.70 15.52 10.56
N GLU A 106 2.76 16.72 11.17
CA GLU A 106 2.23 16.76 12.52
C GLU A 106 0.70 16.75 12.47
N LEU A 107 0.09 17.38 11.48
CA LEU A 107 -1.38 17.28 11.43
C LEU A 107 -1.78 15.77 11.21
N MET A 108 -1.09 15.10 10.30
CA MET A 108 -1.32 13.69 10.03
C MET A 108 -1.26 12.85 11.32
N SER A 109 -0.29 13.10 12.19
CA SER A 109 -0.15 12.36 13.46
C SER A 109 -1.31 12.61 14.42
N MET A 110 -1.84 13.82 14.46
CA MET A 110 -2.94 14.06 15.35
C MET A 110 -4.36 13.61 14.84
N GLU A 111 -4.47 13.12 13.60
CA GLU A 111 -5.77 12.71 13.06
C GLU A 111 -5.83 11.21 12.89
N GLU A 112 -7.02 10.66 12.75
CA GLU A 112 -7.14 9.21 12.51
C GLU A 112 -7.22 9.12 10.98
N ILE A 113 -6.24 8.48 10.39
CA ILE A 113 -6.16 8.41 8.92
C ILE A 113 -6.35 6.94 8.49
N VAL A 114 -7.08 6.70 7.42
CA VAL A 114 -7.35 5.36 6.88
C VAL A 114 -6.99 5.40 5.35
N ALA A 115 -6.15 4.50 4.92
CA ALA A 115 -5.75 4.49 3.52
C ALA A 115 -6.75 3.62 2.81
N GLU A 116 -7.41 4.12 1.77
CA GLU A 116 -8.36 3.30 1.04
C GLU A 116 -7.89 2.95 -0.36
N GLY A 117 -8.05 1.68 -0.75
CA GLY A 117 -7.67 1.26 -2.08
C GLY A 117 -8.85 1.54 -3.00
N TYR A 118 -8.62 2.39 -3.98
CA TYR A 118 -9.63 2.79 -4.88
C TYR A 118 -9.46 2.12 -6.19
N CYS A 119 -10.57 1.78 -6.83
CA CYS A 119 -10.50 1.19 -8.14
C CYS A 119 -11.56 1.93 -8.92
N ILE A 120 -11.14 2.77 -9.84
CA ILE A 120 -12.12 3.51 -10.65
C ILE A 120 -12.45 2.61 -11.85
N ALA A 121 -13.65 2.01 -11.83
CA ALA A 121 -14.07 1.05 -12.84
C ALA A 121 -14.95 1.60 -13.97
N ASN A 122 -15.15 2.89 -13.99
CA ASN A 122 -15.95 3.57 -15.01
C ASN A 122 -14.95 4.45 -15.78
N PRO A 123 -14.61 4.07 -17.03
CA PRO A 123 -13.67 4.84 -17.83
C PRO A 123 -14.23 6.17 -18.31
N ASP A 124 -15.55 6.34 -18.26
CA ASP A 124 -16.17 7.58 -18.70
C ASP A 124 -16.72 8.53 -17.61
N CYS A 125 -15.83 9.07 -16.80
CA CYS A 125 -16.27 10.00 -15.75
C CYS A 125 -15.10 10.89 -15.38
N LYS A 126 -15.43 11.98 -14.69
CA LYS A 126 -14.45 12.95 -14.22
C LYS A 126 -13.35 12.30 -13.42
N ALA A 127 -13.72 11.47 -12.44
CA ALA A 127 -12.71 10.87 -11.58
C ALA A 127 -11.62 10.16 -12.37
N ALA A 128 -12.02 9.37 -13.38
CA ALA A 128 -11.05 8.67 -14.19
C ALA A 128 -10.14 9.61 -15.00
N ALA A 129 -10.67 10.67 -15.58
CA ALA A 129 -9.79 11.57 -16.35
C ALA A 129 -8.84 12.28 -15.37
N LEU A 130 -9.39 12.79 -14.28
CA LEU A 130 -8.64 13.49 -13.24
C LEU A 130 -7.49 12.65 -12.64
N THR A 131 -7.69 11.34 -12.49
CA THR A 131 -6.66 10.47 -11.93
C THR A 131 -5.90 9.65 -12.99
N GLU A 132 -6.09 9.97 -14.26
CA GLU A 132 -5.48 9.18 -15.36
C GLU A 132 -5.72 7.66 -15.14
N ALA A 133 -6.93 7.30 -14.73
CA ALA A 133 -7.16 5.88 -14.49
C ALA A 133 -7.38 4.99 -15.70
N ASP A 134 -6.80 3.78 -15.62
CA ASP A 134 -6.95 2.74 -16.65
C ASP A 134 -8.21 2.11 -16.13
N ALA A 135 -9.34 2.62 -16.59
CA ALA A 135 -10.61 2.21 -16.04
C ALA A 135 -11.48 1.37 -16.94
N ASP A 136 -10.95 1.01 -18.11
CA ASP A 136 -11.72 0.14 -18.98
C ASP A 136 -11.19 -1.21 -18.55
N LEU A 137 -11.85 -1.78 -17.56
CA LEU A 137 -11.41 -3.02 -16.97
C LEU A 137 -12.38 -4.17 -17.12
N ASN A 138 -11.85 -5.38 -17.31
CA ASN A 138 -12.71 -6.55 -17.33
C ASN A 138 -12.83 -6.98 -15.88
N MET A 139 -13.69 -7.95 -15.60
CA MET A 139 -13.88 -8.39 -14.23
C MET A 139 -12.62 -8.97 -13.57
N ASP A 140 -11.86 -9.80 -14.29
CA ASP A 140 -10.67 -10.37 -13.67
C ASP A 140 -9.63 -9.29 -13.30
N ASP A 141 -9.67 -8.14 -13.98
CA ASP A 141 -8.79 -7.00 -13.71
C ASP A 141 -9.18 -6.39 -12.38
N ILE A 142 -10.46 -6.17 -12.21
CA ILE A 142 -10.94 -5.63 -10.94
C ILE A 142 -10.62 -6.58 -9.79
N VAL A 143 -10.85 -7.85 -10.02
CA VAL A 143 -10.57 -8.84 -9.01
C VAL A 143 -9.05 -8.74 -8.65
N ALA A 144 -8.22 -8.57 -9.65
CA ALA A 144 -6.78 -8.49 -9.40
C ALA A 144 -6.38 -7.20 -8.66
N TYR A 145 -7.10 -6.10 -8.89
CA TYR A 145 -6.79 -4.86 -8.17
C TYR A 145 -7.14 -5.02 -6.72
N ALA A 146 -8.20 -5.77 -6.47
CA ALA A 146 -8.65 -6.05 -5.10
C ALA A 146 -7.54 -6.88 -4.39
N ARG A 147 -7.00 -7.89 -5.05
CA ARG A 147 -5.93 -8.67 -4.42
C ARG A 147 -4.72 -7.75 -4.11
N VAL A 148 -4.40 -6.82 -5.00
CA VAL A 148 -3.26 -5.96 -4.76
C VAL A 148 -3.58 -5.14 -3.48
N SER A 149 -4.83 -4.68 -3.37
CA SER A 149 -5.29 -3.85 -2.25
C SER A 149 -4.95 -4.53 -0.92
N GLU A 150 -5.38 -5.78 -0.80
CA GLU A 150 -5.04 -6.53 0.38
C GLU A 150 -3.52 -6.81 0.52
N LEU A 151 -2.82 -7.03 -0.59
CA LEU A 151 -1.40 -7.28 -0.47
C LEU A 151 -0.80 -6.02 0.17
N LEU A 152 -1.33 -4.85 -0.16
CA LEU A 152 -0.80 -3.64 0.38
C LEU A 152 -1.39 -3.28 1.71
N GLN A 153 -2.07 -4.25 2.34
CA GLN A 153 -2.67 -4.05 3.64
C GLN A 153 -3.82 -2.99 3.75
N LEU A 154 -4.35 -2.50 2.64
CA LEU A 154 -5.38 -1.47 2.74
C LEU A 154 -6.64 -1.98 3.42
N PRO A 155 -7.14 -1.24 4.42
CA PRO A 155 -8.35 -1.68 5.12
C PRO A 155 -9.63 -1.59 4.33
N ILE A 156 -9.66 -0.67 3.35
CA ILE A 156 -10.83 -0.49 2.50
C ILE A 156 -10.46 -0.64 1.01
N PHE A 157 -11.34 -1.24 0.20
CA PHE A 157 -11.17 -1.36 -1.24
C PHE A 157 -12.48 -0.68 -1.63
N TYR A 158 -12.41 0.36 -2.42
CA TYR A 158 -13.57 1.12 -2.83
C TYR A 158 -13.72 0.94 -4.35
N LEU A 159 -14.78 0.26 -4.77
CA LEU A 159 -15.06 0.03 -6.15
C LEU A 159 -15.97 1.20 -6.59
N GLU A 160 -15.41 2.05 -7.44
CA GLU A 160 -16.06 3.27 -7.83
C GLU A 160 -16.52 3.35 -9.23
N TYR A 161 -17.81 3.58 -9.42
CA TYR A 161 -18.37 3.74 -10.75
C TYR A 161 -18.97 5.15 -10.96
N SER A 162 -18.87 6.03 -9.96
CA SER A 162 -19.34 7.40 -10.07
C SER A 162 -20.83 7.56 -10.37
N GLY A 163 -21.11 8.19 -11.52
CA GLY A 163 -22.46 8.51 -11.95
C GLY A 163 -23.31 7.37 -12.50
N VAL A 164 -22.77 6.15 -12.54
CA VAL A 164 -23.57 5.03 -13.05
C VAL A 164 -23.42 3.75 -12.23
N LEU A 165 -24.35 2.81 -12.43
CA LEU A 165 -24.36 1.56 -11.75
C LEU A 165 -23.32 0.66 -12.32
N GLY A 166 -22.52 0.04 -11.47
CA GLY A 166 -21.51 -0.88 -11.96
C GLY A 166 -22.10 -2.28 -12.05
N ASP A 167 -21.41 -3.10 -12.81
CA ASP A 167 -21.74 -4.49 -13.05
C ASP A 167 -21.90 -5.16 -11.70
N ILE A 168 -23.11 -5.62 -11.37
CA ILE A 168 -23.31 -6.27 -10.09
C ILE A 168 -22.44 -7.53 -9.95
N GLU A 169 -22.15 -8.20 -11.05
CA GLU A 169 -21.32 -9.40 -10.95
C GLU A 169 -19.88 -9.04 -10.50
N ALA A 170 -19.39 -7.88 -10.90
CA ALA A 170 -18.06 -7.43 -10.49
C ALA A 170 -18.00 -7.25 -8.98
N VAL A 171 -19.09 -6.77 -8.40
CA VAL A 171 -19.16 -6.49 -6.96
C VAL A 171 -19.15 -7.77 -6.17
N LYS A 172 -19.91 -8.74 -6.65
CA LYS A 172 -20.03 -10.03 -6.04
C LYS A 172 -18.68 -10.73 -6.07
N LYS A 173 -18.01 -10.73 -7.23
CA LYS A 173 -16.69 -11.40 -7.37
C LYS A 173 -15.57 -10.73 -6.59
N THR A 174 -15.65 -9.40 -6.37
CA THR A 174 -14.59 -8.75 -5.61
C THR A 174 -14.87 -9.05 -4.16
N LYS A 175 -16.12 -8.99 -3.73
CA LYS A 175 -16.44 -9.36 -2.37
C LYS A 175 -15.87 -10.79 -2.09
N ALA A 176 -16.00 -11.69 -3.06
CA ALA A 176 -15.50 -13.04 -2.89
C ALA A 176 -14.02 -13.16 -2.64
N VAL A 177 -13.18 -12.30 -3.24
CA VAL A 177 -11.76 -12.52 -2.97
C VAL A 177 -11.19 -11.77 -1.81
N LEU A 178 -11.90 -10.75 -1.33
CA LEU A 178 -11.39 -9.95 -0.23
C LEU A 178 -11.55 -10.78 1.03
N GLU A 179 -10.44 -11.22 1.61
CA GLU A 179 -10.49 -12.03 2.83
C GLU A 179 -10.34 -11.18 4.09
N THR A 180 -9.76 -10.00 3.94
CA THR A 180 -9.50 -9.14 5.09
C THR A 180 -9.84 -7.63 4.99
N SER A 181 -10.46 -7.14 3.94
CA SER A 181 -10.75 -5.71 3.99
C SER A 181 -12.23 -5.47 3.76
N THR A 182 -12.66 -4.23 3.89
CA THR A 182 -14.06 -3.89 3.75
C THR A 182 -14.35 -3.33 2.37
N LEU A 183 -15.33 -3.94 1.70
CA LEU A 183 -15.68 -3.53 0.35
C LEU A 183 -16.67 -2.37 0.28
N PHE A 184 -16.22 -1.21 -0.21
CA PHE A 184 -17.15 -0.07 -0.37
C PHE A 184 -17.57 -0.08 -1.82
N TYR A 185 -18.86 0.07 -2.11
CA TYR A 185 -19.28 0.18 -3.50
C TYR A 185 -19.95 1.58 -3.68
N GLY A 186 -19.62 2.29 -4.75
CA GLY A 186 -20.25 3.59 -5.00
C GLY A 186 -20.60 3.62 -6.49
N GLY A 187 -21.73 4.23 -6.85
CA GLY A 187 -22.04 4.31 -8.26
C GLY A 187 -23.49 4.17 -8.61
N GLY A 188 -24.13 5.30 -8.88
CA GLY A 188 -25.51 5.32 -9.28
C GLY A 188 -26.63 4.86 -8.35
N ILE A 189 -26.39 4.71 -7.05
CA ILE A 189 -27.42 4.27 -6.17
C ILE A 189 -28.29 5.49 -5.86
N LYS A 190 -29.56 5.40 -6.19
CA LYS A 190 -30.46 6.47 -5.94
C LYS A 190 -31.76 6.12 -5.23
N ASP A 191 -31.99 4.84 -4.96
CA ASP A 191 -33.24 4.47 -4.28
C ASP A 191 -33.13 3.15 -3.52
N ALA A 192 -34.17 2.86 -2.75
CA ALA A 192 -34.20 1.65 -1.94
C ALA A 192 -33.90 0.38 -2.69
N GLU A 193 -34.54 0.21 -3.83
CA GLU A 193 -34.39 -1.01 -4.60
C GLU A 193 -32.97 -1.36 -5.04
N THR A 194 -32.27 -0.42 -5.66
CA THR A 194 -30.91 -0.65 -6.09
C THR A 194 -29.96 -0.70 -4.86
N ALA A 195 -30.20 0.09 -3.83
CA ALA A 195 -29.34 0.05 -2.68
C ALA A 195 -29.39 -1.37 -2.10
N LYS A 196 -30.57 -1.93 -2.02
CA LYS A 196 -30.73 -3.27 -1.48
C LYS A 196 -30.00 -4.27 -2.33
N GLN A 197 -30.15 -4.13 -3.63
CA GLN A 197 -29.50 -5.03 -4.55
C GLN A 197 -27.95 -5.04 -4.42
N TYR A 198 -27.32 -3.86 -4.39
CA TYR A 198 -25.87 -3.84 -4.21
C TYR A 198 -25.43 -4.16 -2.80
N ALA A 199 -26.30 -3.97 -1.82
CA ALA A 199 -25.91 -4.26 -0.43
C ALA A 199 -25.79 -5.76 -0.19
N GLU A 200 -26.19 -6.55 -1.17
CA GLU A 200 -26.12 -8.01 -0.99
C GLU A 200 -24.67 -8.46 -1.16
N HIS A 201 -23.86 -7.68 -1.84
CA HIS A 201 -22.49 -8.11 -2.03
C HIS A 201 -21.50 -7.17 -1.39
N ALA A 202 -21.76 -5.88 -1.49
CA ALA A 202 -20.83 -4.88 -0.95
C ALA A 202 -20.92 -4.87 0.57
N ASP A 203 -19.87 -4.49 1.28
CA ASP A 203 -20.00 -4.39 2.71
C ASP A 203 -20.64 -3.04 3.05
N VAL A 204 -20.34 -2.05 2.24
CA VAL A 204 -20.85 -0.74 2.52
C VAL A 204 -21.28 -0.12 1.25
N ILE A 205 -22.49 0.40 1.19
CA ILE A 205 -22.90 1.08 -0.04
C ILE A 205 -22.80 2.58 0.26
N VAL A 206 -22.31 3.31 -0.71
CA VAL A 206 -22.14 4.77 -0.64
C VAL A 206 -23.22 5.41 -1.51
N VAL A 207 -24.06 6.25 -0.93
CA VAL A 207 -25.05 6.94 -1.73
C VAL A 207 -24.57 8.41 -1.79
N GLY A 208 -24.40 8.90 -3.02
CA GLY A 208 -23.89 10.23 -3.22
C GLY A 208 -24.77 11.30 -3.80
N ASN A 209 -24.54 11.67 -5.06
CA ASN A 209 -25.32 12.79 -5.62
C ASN A 209 -26.82 12.67 -5.71
N ALA A 210 -27.35 11.47 -5.48
CA ALA A 210 -28.79 11.23 -5.44
C ALA A 210 -29.39 12.11 -4.34
N VAL A 211 -28.61 12.44 -3.31
CA VAL A 211 -29.20 13.28 -2.29
C VAL A 211 -29.53 14.68 -2.83
N TYR A 212 -28.85 15.13 -3.89
CA TYR A 212 -29.18 16.45 -4.45
C TYR A 212 -30.28 16.32 -5.52
N GLU A 213 -30.33 15.17 -6.17
CA GLU A 213 -31.32 14.99 -7.22
C GLU A 213 -32.71 14.70 -6.67
N ASP A 214 -32.81 13.75 -5.74
CA ASP A 214 -34.14 13.42 -5.17
C ASP A 214 -33.90 12.99 -3.75
N PHE A 215 -33.94 13.94 -2.84
CA PHE A 215 -33.65 13.68 -1.43
C PHE A 215 -34.51 12.59 -0.76
N ASP A 216 -35.82 12.73 -0.77
CA ASP A 216 -36.71 11.74 -0.15
C ASP A 216 -36.41 10.32 -0.60
N ARG A 217 -36.14 10.17 -1.88
CA ARG A 217 -35.82 8.87 -2.42
C ARG A 217 -34.43 8.36 -1.94
N ALA A 218 -33.47 9.25 -1.83
CA ALA A 218 -32.14 8.82 -1.41
C ALA A 218 -32.13 8.48 0.07
N LEU A 219 -32.98 9.18 0.81
CA LEU A 219 -33.05 8.96 2.25
C LEU A 219 -33.51 7.55 2.57
N LYS A 220 -34.40 6.99 1.75
CA LYS A 220 -34.89 5.62 1.93
C LYS A 220 -33.83 4.59 1.69
N THR A 221 -32.67 5.00 1.19
CA THR A 221 -31.67 3.98 0.97
C THR A 221 -31.09 3.45 2.24
N VAL A 222 -31.25 4.19 3.35
CA VAL A 222 -30.71 3.75 4.65
C VAL A 222 -31.52 2.51 5.15
N ALA A 223 -32.82 2.68 5.33
CA ALA A 223 -33.70 1.59 5.75
C ALA A 223 -33.64 0.41 4.79
N ALA A 224 -33.49 0.68 3.49
CA ALA A 224 -33.44 -0.41 2.52
C ALA A 224 -32.31 -1.31 2.82
N VAL A 225 -31.24 -0.71 3.26
CA VAL A 225 -30.05 -1.47 3.52
C VAL A 225 -29.84 -1.99 4.93
N LYS A 226 -30.31 -1.27 5.92
CA LYS A 226 -30.17 -1.64 7.32
C LYS A 226 -31.48 -2.31 7.77
N MET B 1 4.54 -18.56 10.16
CA MET B 1 5.40 -18.85 11.37
C MET B 1 6.72 -18.10 11.27
N TYR B 2 6.85 -17.24 10.26
CA TYR B 2 8.07 -16.48 10.08
C TYR B 2 7.83 -15.08 10.57
N ASP B 3 8.55 -14.68 11.59
CA ASP B 3 8.35 -13.33 12.14
C ASP B 3 9.58 -12.42 11.91
N VAL B 4 9.44 -11.55 10.92
CA VAL B 4 10.50 -10.63 10.58
C VAL B 4 10.79 -9.64 11.71
N THR B 5 9.88 -9.42 12.67
CA THR B 5 10.16 -8.52 13.78
C THR B 5 11.19 -9.17 14.73
N GLU B 6 11.51 -10.42 14.53
CA GLU B 6 12.54 -11.04 15.36
C GLU B 6 13.87 -11.09 14.58
N TRP B 7 13.90 -10.62 13.35
CA TRP B 7 15.14 -10.72 12.59
C TRP B 7 16.15 -9.59 12.86
N LYS B 8 17.41 -9.88 12.61
CA LYS B 8 18.45 -8.91 12.78
C LYS B 8 19.36 -8.81 11.56
N HIS B 9 19.54 -9.92 10.86
CA HIS B 9 20.47 -9.92 9.71
C HIS B 9 19.97 -10.82 8.59
N VAL B 10 20.15 -10.40 7.34
CA VAL B 10 19.81 -11.28 6.22
C VAL B 10 20.83 -11.08 5.14
N PHE B 11 21.13 -12.15 4.41
CA PHE B 11 21.99 -12.10 3.27
C PHE B 11 21.03 -12.03 2.07
N LYS B 12 21.36 -11.20 1.09
CA LYS B 12 20.55 -11.15 -0.13
C LYS B 12 21.45 -11.65 -1.25
N LEU B 13 21.04 -12.71 -1.94
CA LEU B 13 21.85 -13.32 -3.02
C LEU B 13 21.26 -13.00 -4.40
N ASP B 14 22.12 -12.80 -5.36
CA ASP B 14 21.69 -12.43 -6.68
C ASP B 14 21.77 -13.69 -7.53
N PRO B 15 20.61 -14.18 -7.96
CA PRO B 15 20.53 -15.40 -8.77
C PRO B 15 21.15 -15.22 -10.16
N ASN B 16 21.45 -13.99 -10.55
CA ASN B 16 22.15 -13.68 -11.81
C ASN B 16 23.67 -13.96 -11.69
N LYS B 17 24.15 -14.12 -10.46
CA LYS B 17 25.58 -14.38 -10.25
C LYS B 17 25.80 -15.77 -9.73
N ASP B 18 27.04 -16.20 -9.79
CA ASP B 18 27.30 -17.52 -9.30
C ASP B 18 28.21 -17.53 -8.09
N LEU B 19 27.85 -18.36 -7.12
CA LEU B 19 28.60 -18.50 -5.88
C LEU B 19 29.04 -19.96 -5.70
N PRO B 20 30.26 -20.19 -5.19
CA PRO B 20 30.72 -21.60 -4.99
C PRO B 20 29.70 -22.35 -4.11
N ASP B 21 29.42 -23.62 -4.38
CA ASP B 21 28.44 -24.26 -3.49
C ASP B 21 28.90 -24.22 -2.02
N GLU B 22 30.22 -24.28 -1.80
CA GLU B 22 30.79 -24.20 -0.46
C GLU B 22 30.36 -22.91 0.23
N GLN B 23 30.45 -21.78 -0.47
CA GLN B 23 30.05 -20.51 0.16
C GLN B 23 28.56 -20.42 0.40
N LEU B 24 27.79 -20.86 -0.58
CA LEU B 24 26.36 -20.84 -0.40
C LEU B 24 26.01 -21.65 0.80
N GLU B 25 26.62 -22.83 0.97
CA GLU B 25 26.30 -23.61 2.17
C GLU B 25 26.70 -22.84 3.46
N ILE B 26 27.90 -22.28 3.47
CA ILE B 26 28.35 -21.52 4.65
C ILE B 26 27.42 -20.36 4.99
N LEU B 27 26.97 -19.60 3.98
CA LEU B 27 26.02 -18.50 4.26
C LEU B 27 24.74 -19.04 4.86
N CYS B 28 24.17 -20.14 4.35
CA CYS B 28 22.93 -20.65 4.95
C CYS B 28 23.05 -21.12 6.42
N GLU B 29 24.19 -21.68 6.79
CA GLU B 29 24.47 -22.12 8.15
C GLU B 29 25.24 -21.07 8.96
N SER B 30 25.26 -19.82 8.51
CA SER B 30 26.04 -18.79 9.20
C SER B 30 25.40 -18.26 10.46
N GLY B 31 24.08 -18.36 10.58
CA GLY B 31 23.41 -17.80 11.75
C GLY B 31 22.59 -16.58 11.31
N THR B 32 22.60 -16.26 10.02
CA THR B 32 21.79 -15.12 9.50
C THR B 32 20.33 -15.53 9.71
N ASP B 33 19.42 -14.56 9.84
CA ASP B 33 18.01 -14.90 10.06
C ASP B 33 17.26 -15.34 8.81
N ALA B 34 17.82 -15.07 7.65
CA ALA B 34 17.19 -15.41 6.38
C ALA B 34 18.12 -15.29 5.19
N VAL B 35 17.82 -16.09 4.18
CA VAL B 35 18.58 -15.96 2.97
C VAL B 35 17.53 -15.56 1.93
N ILE B 36 17.71 -14.37 1.35
CA ILE B 36 16.80 -13.86 0.37
C ILE B 36 17.40 -13.95 -1.02
N ILE B 37 16.62 -14.47 -1.94
CA ILE B 37 17.02 -14.61 -3.30
C ILE B 37 16.42 -13.38 -3.97
N GLY B 38 17.29 -12.48 -4.38
CA GLY B 38 16.83 -11.22 -4.92
C GLY B 38 16.71 -11.11 -6.42
N GLY B 39 17.28 -10.06 -6.99
CA GLY B 39 17.14 -9.96 -8.43
C GLY B 39 17.21 -8.64 -9.15
N SER B 40 16.39 -7.67 -8.80
CA SER B 40 16.41 -6.37 -9.51
C SER B 40 16.14 -6.39 -11.05
N ASP B 41 16.95 -7.11 -11.85
CA ASP B 41 16.70 -7.11 -13.30
C ASP B 41 17.41 -8.18 -14.10
N GLY B 42 16.77 -8.68 -15.16
CA GLY B 42 17.40 -9.73 -15.96
C GLY B 42 17.44 -11.11 -15.30
N VAL B 43 16.70 -11.27 -14.23
CA VAL B 43 16.66 -12.56 -13.55
C VAL B 43 15.97 -13.60 -14.42
N THR B 44 16.35 -14.85 -14.27
CA THR B 44 15.68 -15.88 -15.04
C THR B 44 15.16 -16.92 -14.06
N GLU B 45 14.00 -17.50 -14.42
CA GLU B 45 13.32 -18.55 -13.64
C GLU B 45 14.25 -19.75 -13.41
N ASP B 46 15.03 -20.16 -14.40
CA ASP B 46 15.89 -21.32 -14.13
C ASP B 46 16.94 -21.11 -13.01
N ASN B 47 17.57 -19.91 -12.96
CA ASN B 47 18.52 -19.59 -11.89
C ASN B 47 17.79 -19.53 -10.55
N VAL B 48 16.62 -18.91 -10.54
CA VAL B 48 15.89 -18.83 -9.30
C VAL B 48 15.51 -20.24 -8.81
N LEU B 49 15.16 -21.09 -9.77
CA LEU B 49 14.71 -22.43 -9.45
C LEU B 49 15.90 -23.21 -8.95
N ARG B 50 17.11 -23.01 -9.50
CA ARG B 50 18.26 -23.81 -8.99
C ARG B 50 18.63 -23.41 -7.57
N MET B 51 18.56 -22.12 -7.33
CA MET B 51 18.86 -21.56 -6.01
C MET B 51 17.86 -22.03 -4.95
N MET B 52 16.59 -22.03 -5.32
CA MET B 52 15.57 -22.51 -4.41
C MET B 52 15.99 -23.94 -3.97
N SER B 53 16.25 -24.78 -4.94
CA SER B 53 16.58 -26.17 -4.62
C SER B 53 17.84 -26.27 -3.78
N LYS B 54 18.77 -25.33 -3.93
CA LYS B 54 20.01 -25.43 -3.16
C LYS B 54 19.88 -24.92 -1.74
N VAL B 55 19.02 -23.94 -1.53
CA VAL B 55 18.87 -23.42 -0.18
C VAL B 55 17.78 -24.09 0.63
N ARG B 56 16.77 -24.67 -0.02
CA ARG B 56 15.66 -25.25 0.74
C ARG B 56 15.98 -26.29 1.80
N ARG B 57 17.03 -27.05 1.59
CA ARG B 57 17.45 -28.06 2.53
C ARG B 57 17.82 -27.56 3.90
N PHE B 58 18.27 -26.32 3.98
CA PHE B 58 18.72 -25.75 5.25
C PHE B 58 17.57 -25.28 6.12
N LEU B 59 17.82 -25.18 7.42
CA LEU B 59 16.77 -24.74 8.31
C LEU B 59 16.43 -23.26 8.19
N VAL B 60 17.40 -22.48 7.74
CA VAL B 60 17.22 -21.04 7.64
C VAL B 60 16.05 -20.73 6.69
N PRO B 61 15.25 -19.73 7.03
CA PRO B 61 14.13 -19.42 6.13
C PRO B 61 14.67 -18.94 4.78
N CYS B 62 14.12 -19.44 3.66
CA CYS B 62 14.55 -18.93 2.31
C CYS B 62 13.42 -18.08 1.78
N VAL B 63 13.77 -16.94 1.22
CA VAL B 63 12.82 -15.97 0.77
C VAL B 63 13.10 -15.66 -0.64
N LEU B 64 12.04 -15.44 -1.40
CA LEU B 64 12.24 -15.03 -2.79
C LEU B 64 11.70 -13.60 -2.81
N GLU B 65 12.53 -12.68 -3.21
CA GLU B 65 12.08 -11.31 -3.31
C GLU B 65 11.70 -11.26 -4.78
N VAL B 66 10.43 -11.06 -5.05
CA VAL B 66 9.99 -11.08 -6.43
C VAL B 66 10.29 -9.80 -7.20
N SER B 67 11.04 -9.88 -8.32
CA SER B 67 11.32 -8.68 -9.15
C SER B 67 10.85 -8.88 -10.61
N ALA B 68 10.27 -10.04 -10.92
CA ALA B 68 9.77 -10.31 -12.27
C ALA B 68 8.72 -11.40 -12.21
N ILE B 69 7.64 -11.23 -12.95
CA ILE B 69 6.56 -12.22 -12.93
C ILE B 69 7.03 -13.58 -13.47
N GLU B 70 7.97 -13.53 -14.41
CA GLU B 70 8.46 -14.75 -15.05
C GLU B 70 9.32 -15.55 -14.09
N ALA B 71 9.76 -14.91 -13.01
CA ALA B 71 10.65 -15.55 -12.07
C ALA B 71 10.05 -15.95 -10.73
N ILE B 72 8.74 -15.96 -10.65
CA ILE B 72 8.03 -16.43 -9.47
C ILE B 72 8.19 -17.98 -9.55
N VAL B 73 8.72 -18.59 -8.50
CA VAL B 73 8.99 -20.02 -8.47
C VAL B 73 8.44 -20.54 -7.13
N PRO B 74 7.74 -21.68 -7.15
CA PRO B 74 7.22 -22.22 -5.90
C PRO B 74 8.37 -22.89 -5.13
N GLY B 75 8.14 -23.17 -3.84
CA GLY B 75 9.16 -23.84 -3.05
C GLY B 75 9.85 -23.03 -1.95
N PHE B 76 9.70 -21.71 -1.98
CA PHE B 76 10.34 -20.88 -0.98
C PHE B 76 9.46 -20.83 0.27
N ASP B 77 10.06 -20.56 1.41
CA ASP B 77 9.32 -20.43 2.67
C ASP B 77 8.49 -19.17 2.65
N LEU B 78 9.06 -18.09 2.11
CA LEU B 78 8.36 -16.77 2.06
C LEU B 78 8.61 -16.04 0.78
N TYR B 79 7.69 -15.14 0.45
CA TYR B 79 7.78 -14.31 -0.72
C TYR B 79 7.65 -12.83 -0.33
N PHE B 80 8.68 -12.05 -0.61
CA PHE B 80 8.63 -10.63 -0.37
C PHE B 80 8.27 -10.01 -1.69
N ILE B 81 7.33 -9.07 -1.70
CA ILE B 81 6.93 -8.41 -2.93
C ILE B 81 7.28 -6.89 -2.83
N PRO B 82 8.30 -6.43 -3.55
CA PRO B 82 8.56 -4.99 -3.37
C PRO B 82 7.60 -4.02 -4.05
N SER B 83 7.42 -2.86 -3.46
CA SER B 83 6.63 -1.76 -4.05
C SER B 83 7.59 -0.56 -3.93
N VAL B 84 8.04 0.02 -5.02
CA VAL B 84 8.96 1.15 -4.97
C VAL B 84 8.12 2.40 -4.77
N LEU B 85 8.10 2.88 -3.53
CA LEU B 85 7.23 4.02 -3.17
C LEU B 85 7.62 5.34 -3.81
N ASN B 86 8.89 5.50 -4.15
CA ASN B 86 9.30 6.72 -4.77
C ASN B 86 9.45 6.54 -6.27
N SER B 87 8.92 5.43 -6.80
CA SER B 87 9.04 5.23 -8.26
C SER B 87 8.19 6.27 -8.99
N LYS B 88 8.62 6.71 -10.17
CA LYS B 88 7.78 7.68 -10.85
C LYS B 88 6.91 6.96 -11.85
N ASN B 89 6.95 5.64 -11.85
CA ASN B 89 6.12 4.88 -12.74
C ASN B 89 5.21 3.89 -11.97
N ALA B 90 3.90 3.98 -12.17
CA ALA B 90 2.97 3.08 -11.50
C ALA B 90 3.34 1.60 -11.63
N ASP B 91 4.01 1.19 -12.70
CA ASP B 91 4.35 -0.24 -12.83
C ASP B 91 5.10 -0.82 -11.62
N TRP B 92 6.05 -0.06 -11.10
CA TRP B 92 6.85 -0.51 -9.97
C TRP B 92 6.18 -0.34 -8.61
N ILE B 93 5.01 0.25 -8.57
CA ILE B 93 4.33 0.42 -7.31
C ILE B 93 3.19 -0.59 -7.18
N VAL B 94 2.37 -0.62 -8.23
CA VAL B 94 1.17 -1.42 -8.32
C VAL B 94 0.95 -2.21 -9.63
N GLY B 95 1.29 -1.62 -10.77
CA GLY B 95 1.06 -2.23 -12.09
C GLY B 95 1.54 -3.65 -12.26
N MET B 96 2.83 -3.91 -12.04
CA MET B 96 3.31 -5.28 -12.21
C MET B 96 2.63 -6.21 -11.24
N HIS B 97 2.32 -5.69 -10.04
CA HIS B 97 1.67 -6.47 -9.00
C HIS B 97 0.23 -6.94 -9.41
N GLN B 98 -0.52 -6.09 -10.11
CA GLN B 98 -1.88 -6.40 -10.61
C GLN B 98 -1.77 -7.50 -11.72
N LYS B 99 -0.82 -7.34 -12.66
CA LYS B 99 -0.61 -8.39 -13.68
C LYS B 99 -0.27 -9.75 -13.01
N ALA B 100 0.61 -9.74 -12.02
CA ALA B 100 0.93 -10.97 -11.33
C ALA B 100 -0.29 -11.59 -10.68
N MET B 101 -1.10 -10.78 -9.99
CA MET B 101 -2.31 -11.31 -9.36
C MET B 101 -3.31 -11.87 -10.38
N LYS B 102 -3.41 -11.21 -11.51
CA LYS B 102 -4.32 -11.61 -12.56
C LYS B 102 -3.89 -12.96 -13.14
N GLU B 103 -2.58 -13.13 -13.27
CA GLU B 103 -2.01 -14.32 -13.84
C GLU B 103 -1.83 -15.48 -12.87
N TYR B 104 -1.40 -15.18 -11.65
CA TYR B 104 -1.10 -16.22 -10.64
C TYR B 104 -1.85 -16.07 -9.30
N GLY B 105 -3.09 -15.58 -9.34
CA GLY B 105 -3.88 -15.41 -8.14
C GLY B 105 -3.88 -16.63 -7.26
N GLU B 106 -4.06 -17.81 -7.86
CA GLU B 106 -4.11 -19.07 -7.13
C GLU B 106 -2.73 -19.38 -6.50
N LEU B 107 -1.66 -19.39 -7.31
CA LEU B 107 -0.34 -19.66 -6.79
C LEU B 107 0.02 -18.65 -5.68
N MET B 108 -0.46 -17.43 -5.82
CA MET B 108 -0.17 -16.41 -4.81
C MET B 108 -0.90 -16.67 -3.49
N SER B 109 -2.13 -17.14 -3.53
CA SER B 109 -2.87 -17.40 -2.29
C SER B 109 -2.25 -18.57 -1.48
N MET B 110 -1.51 -19.47 -2.11
CA MET B 110 -0.99 -20.60 -1.35
C MET B 110 0.35 -20.37 -0.65
N GLU B 111 0.94 -19.17 -0.80
CA GLU B 111 2.26 -18.84 -0.25
C GLU B 111 2.19 -17.75 0.82
N GLU B 112 3.23 -17.62 1.62
CA GLU B 112 3.26 -16.56 2.61
C GLU B 112 3.93 -15.33 1.95
N ILE B 113 3.15 -14.28 1.77
CA ILE B 113 3.62 -13.12 1.07
C ILE B 113 3.75 -11.88 1.96
N VAL B 114 4.80 -11.09 1.75
CA VAL B 114 5.02 -9.92 2.61
C VAL B 114 5.37 -8.79 1.68
N ALA B 115 4.58 -7.72 1.70
CA ALA B 115 4.87 -6.57 0.84
C ALA B 115 5.96 -5.71 1.53
N GLU B 116 6.89 -5.18 0.75
CA GLU B 116 7.95 -4.31 1.24
C GLU B 116 7.80 -2.93 0.61
N GLY B 117 7.81 -1.89 1.42
CA GLY B 117 7.73 -0.55 0.91
C GLY B 117 9.18 -0.12 0.74
N TYR B 118 9.63 -0.12 -0.51
CA TYR B 118 10.96 0.26 -0.82
C TYR B 118 11.15 1.73 -0.94
N CYS B 119 12.25 2.25 -0.44
CA CYS B 119 12.58 3.66 -0.72
C CYS B 119 14.02 3.58 -1.28
N ILE B 120 14.17 3.77 -2.59
CA ILE B 120 15.50 3.73 -3.23
C ILE B 120 16.14 5.12 -3.09
N ALA B 121 17.11 5.23 -2.21
CA ALA B 121 17.71 6.52 -1.94
C ALA B 121 19.09 6.79 -2.49
N ASN B 122 19.53 6.00 -3.46
CA ASN B 122 20.80 6.22 -4.12
C ASN B 122 20.47 6.46 -5.57
N PRO B 123 20.54 7.75 -5.99
CA PRO B 123 20.24 8.13 -7.36
C PRO B 123 21.09 7.54 -8.45
N ASP B 124 22.25 6.99 -8.13
CA ASP B 124 23.06 6.46 -9.20
C ASP B 124 23.20 4.96 -9.31
N CYS B 125 22.17 4.19 -8.96
CA CYS B 125 22.29 2.75 -9.04
C CYS B 125 21.40 2.16 -10.11
N LYS B 126 21.65 0.91 -10.46
CA LYS B 126 20.86 0.24 -11.47
C LYS B 126 19.39 0.19 -11.07
N ALA B 127 19.11 0.00 -9.77
CA ALA B 127 17.72 -0.07 -9.33
C ALA B 127 16.94 1.24 -9.54
N ALA B 128 17.57 2.38 -9.25
CA ALA B 128 16.93 3.68 -9.43
C ALA B 128 16.64 3.95 -10.92
N ALA B 129 17.55 3.51 -11.78
CA ALA B 129 17.37 3.75 -13.20
C ALA B 129 16.17 2.98 -13.72
N LEU B 130 16.17 1.69 -13.43
CA LEU B 130 15.14 0.75 -13.84
C LEU B 130 13.73 1.15 -13.38
N THR B 131 13.64 1.50 -12.11
CA THR B 131 12.35 1.84 -11.56
C THR B 131 11.97 3.31 -11.69
N GLU B 132 12.76 4.12 -12.39
CA GLU B 132 12.51 5.56 -12.52
C GLU B 132 12.20 6.17 -11.13
N ALA B 133 12.97 5.78 -10.13
CA ALA B 133 12.79 6.29 -8.76
C ALA B 133 13.24 7.76 -8.64
N ASP B 134 12.56 8.59 -7.85
CA ASP B 134 13.08 9.95 -7.68
C ASP B 134 13.95 9.71 -6.48
N ALA B 135 15.18 9.27 -6.76
CA ALA B 135 16.10 8.89 -5.71
C ALA B 135 17.00 9.93 -5.11
N ASP B 136 16.92 11.17 -5.59
CA ASP B 136 17.73 12.25 -5.01
C ASP B 136 16.92 12.92 -3.93
N LEU B 137 16.79 12.24 -2.79
CA LEU B 137 15.97 12.69 -1.66
C LEU B 137 16.65 13.33 -0.44
N ASN B 138 16.04 14.37 0.11
CA ASN B 138 16.57 14.96 1.35
C ASN B 138 16.08 14.00 2.41
N MET B 139 16.60 14.13 3.61
CA MET B 139 16.19 13.24 4.66
C MET B 139 14.68 13.31 5.00
N ASP B 140 14.08 14.50 4.99
CA ASP B 140 12.67 14.57 5.31
C ASP B 140 11.76 13.96 4.20
N ASP B 141 12.31 13.79 3.00
CA ASP B 141 11.61 13.15 1.90
C ASP B 141 11.53 11.67 2.27
N ILE B 142 12.65 11.15 2.80
CA ILE B 142 12.77 9.74 3.21
C ILE B 142 11.88 9.42 4.39
N VAL B 143 11.95 10.28 5.40
CA VAL B 143 11.12 10.10 6.55
C VAL B 143 9.64 10.13 6.12
N ALA B 144 9.30 10.95 5.12
CA ALA B 144 7.89 11.00 4.72
C ALA B 144 7.44 9.68 4.01
N TYR B 145 8.34 9.09 3.25
CA TYR B 145 8.08 7.80 2.57
C TYR B 145 7.91 6.77 3.68
N ALA B 146 8.75 6.83 4.72
CA ALA B 146 8.56 5.91 5.83
C ALA B 146 7.18 6.10 6.46
N ARG B 147 6.74 7.35 6.62
CA ARG B 147 5.42 7.58 7.22
C ARG B 147 4.36 6.97 6.30
N VAL B 148 4.53 7.06 4.99
CA VAL B 148 3.56 6.50 4.07
C VAL B 148 3.48 4.97 4.23
N SER B 149 4.62 4.33 4.41
CA SER B 149 4.65 2.89 4.59
C SER B 149 3.95 2.54 5.89
N GLU B 150 4.25 3.25 6.98
CA GLU B 150 3.66 3.02 8.33
C GLU B 150 2.13 3.19 8.29
N LEU B 151 1.66 4.13 7.48
CA LEU B 151 0.24 4.34 7.27
C LEU B 151 -0.39 3.17 6.52
N LEU B 152 0.28 2.66 5.48
CA LEU B 152 -0.30 1.54 4.75
C LEU B 152 -0.05 0.28 5.58
N GLN B 153 0.69 0.40 6.65
CA GLN B 153 0.98 -0.76 7.48
C GLN B 153 1.68 -1.88 6.64
N LEU B 154 2.65 -1.49 5.83
CA LEU B 154 3.44 -2.43 5.04
C LEU B 154 4.32 -3.02 6.13
N PRO B 155 4.42 -4.33 6.19
CA PRO B 155 5.22 -4.99 7.22
C PRO B 155 6.67 -4.56 7.19
N ILE B 156 7.14 -4.28 5.98
CA ILE B 156 8.53 -3.89 5.82
C ILE B 156 8.72 -2.56 5.08
N PHE B 157 9.61 -1.71 5.62
CA PHE B 157 9.97 -0.48 4.92
C PHE B 157 11.47 -0.76 4.66
N TYR B 158 11.89 -0.76 3.40
CA TYR B 158 13.24 -1.11 3.04
C TYR B 158 13.92 0.16 2.47
N LEU B 159 14.95 0.65 3.14
CA LEU B 159 15.64 1.85 2.72
C LEU B 159 16.75 1.25 1.93
N GLU B 160 16.76 1.50 0.64
CA GLU B 160 17.70 0.90 -0.26
C GLU B 160 18.71 1.85 -0.86
N TYR B 161 19.99 1.68 -0.49
CA TYR B 161 21.08 2.50 -0.98
C TYR B 161 22.03 1.76 -1.92
N SER B 162 21.71 0.49 -2.16
CA SER B 162 22.46 -0.34 -3.08
C SER B 162 23.89 -0.59 -2.72
N GLY B 163 24.79 -0.04 -3.53
CA GLY B 163 26.22 -0.22 -3.30
C GLY B 163 26.90 0.93 -2.59
N VAL B 164 26.16 1.74 -1.84
CA VAL B 164 26.80 2.82 -1.13
C VAL B 164 26.24 2.87 0.28
N LEU B 165 27.04 3.38 1.21
CA LEU B 165 26.61 3.51 2.56
C LEU B 165 25.66 4.70 2.56
N GLY B 166 24.48 4.50 3.13
CA GLY B 166 23.51 5.57 3.17
C GLY B 166 23.73 6.43 4.39
N ASP B 167 23.18 7.64 4.35
CA ASP B 167 23.29 8.59 5.47
C ASP B 167 22.74 7.92 6.74
N ILE B 168 23.61 7.69 7.71
CA ILE B 168 23.22 7.03 8.97
C ILE B 168 22.12 7.80 9.72
N GLU B 169 22.13 9.12 9.55
CA GLU B 169 21.13 9.94 10.20
C GLU B 169 19.78 9.65 9.56
N ALA B 170 19.75 9.37 8.25
CA ALA B 170 18.46 9.09 7.64
C ALA B 170 17.94 7.73 8.17
N VAL B 171 18.84 6.80 8.46
CA VAL B 171 18.39 5.51 9.01
C VAL B 171 17.83 5.72 10.41
N LYS B 172 18.52 6.51 11.24
CA LYS B 172 18.04 6.79 12.62
C LYS B 172 16.68 7.51 12.65
N LYS B 173 16.49 8.47 11.75
CA LYS B 173 15.20 9.19 11.73
C LYS B 173 14.02 8.35 11.17
N THR B 174 14.35 7.46 10.21
CA THR B 174 13.35 6.58 9.63
C THR B 174 12.85 5.67 10.71
N LYS B 175 13.78 5.07 11.42
CA LYS B 175 13.46 4.19 12.52
C LYS B 175 12.54 4.88 13.58
N ALA B 176 12.85 6.11 13.91
CA ALA B 176 12.06 6.87 14.88
C ALA B 176 10.57 7.04 14.48
N VAL B 177 10.22 6.98 13.18
CA VAL B 177 8.80 7.12 12.81
C VAL B 177 8.12 5.81 12.57
N LEU B 178 8.86 4.71 12.51
CA LEU B 178 8.20 3.42 12.27
C LEU B 178 7.76 2.80 13.60
N GLU B 179 6.48 2.48 13.73
CA GLU B 179 5.96 1.93 14.98
C GLU B 179 5.52 0.49 14.86
N THR B 180 5.23 0.09 13.62
CA THR B 180 4.80 -1.25 13.33
C THR B 180 5.69 -1.88 12.26
N SER B 181 6.04 -1.10 11.25
CA SER B 181 6.87 -1.57 10.14
C SER B 181 8.26 -2.05 10.66
N THR B 182 8.83 -3.08 10.04
CA THR B 182 10.16 -3.51 10.41
C THR B 182 11.09 -2.80 9.38
N LEU B 183 12.13 -2.15 9.89
CA LEU B 183 12.99 -1.39 8.99
C LEU B 183 14.17 -2.23 8.50
N PHE B 184 14.24 -2.44 7.19
CA PHE B 184 15.33 -3.17 6.58
C PHE B 184 16.25 -2.11 5.95
N TYR B 185 17.56 -2.23 6.17
CA TYR B 185 18.48 -1.30 5.53
C TYR B 185 19.46 -2.07 4.70
N GLY B 186 19.73 -1.60 3.51
CA GLY B 186 20.73 -2.26 2.68
C GLY B 186 21.55 -1.18 1.98
N GLY B 187 22.86 -1.37 1.92
CA GLY B 187 23.66 -0.38 1.24
C GLY B 187 25.09 -0.34 1.76
N GLY B 188 26.05 -0.83 0.97
CA GLY B 188 27.44 -0.79 1.37
C GLY B 188 27.90 -1.50 2.61
N ILE B 189 27.10 -2.38 3.19
CA ILE B 189 27.58 -3.11 4.37
C ILE B 189 28.53 -4.26 3.91
N LYS B 190 29.83 -4.09 4.12
CA LYS B 190 30.76 -5.13 3.70
C LYS B 190 31.55 -5.77 4.81
N ASP B 191 31.35 -5.35 6.06
CA ASP B 191 32.14 -5.93 7.15
C ASP B 191 31.52 -5.67 8.53
N ALA B 192 32.18 -6.22 9.53
CA ALA B 192 31.70 -6.14 10.91
C ALA B 192 31.37 -4.73 11.41
N GLU B 193 32.26 -3.81 11.09
CA GLU B 193 32.17 -2.42 11.51
C GLU B 193 30.94 -1.72 10.95
N THR B 194 30.80 -1.73 9.63
CA THR B 194 29.64 -1.09 9.05
C THR B 194 28.38 -1.80 9.48
N ALA B 195 28.42 -3.13 9.51
CA ALA B 195 27.27 -3.95 9.93
C ALA B 195 26.84 -3.45 11.29
N LYS B 196 27.79 -3.38 12.23
CA LYS B 196 27.49 -2.98 13.61
C LYS B 196 26.94 -1.57 13.66
N GLN B 197 27.50 -0.69 12.85
CA GLN B 197 27.02 0.70 12.83
C GLN B 197 25.55 0.83 12.38
N TYR B 198 25.22 0.28 11.22
CA TYR B 198 23.85 0.37 10.79
C TYR B 198 22.90 -0.44 11.65
N ALA B 199 23.35 -1.56 12.21
CA ALA B 199 22.45 -2.36 13.04
C ALA B 199 21.98 -1.58 14.27
N GLU B 200 22.61 -0.45 14.52
CA GLU B 200 22.26 0.35 15.67
C GLU B 200 20.92 1.02 15.45
N HIS B 201 20.57 1.27 14.20
CA HIS B 201 19.32 1.93 13.86
C HIS B 201 18.30 1.07 13.08
N ALA B 202 18.76 0.31 12.08
CA ALA B 202 17.87 -0.56 11.31
C ALA B 202 17.38 -1.76 12.13
N ASP B 203 16.19 -2.26 11.87
CA ASP B 203 15.76 -3.47 12.59
C ASP B 203 16.54 -4.65 11.95
N VAL B 204 16.75 -4.59 10.64
CA VAL B 204 17.46 -5.65 9.91
C VAL B 204 18.45 -5.04 8.96
N ILE B 205 19.66 -5.57 8.91
CA ILE B 205 20.61 -5.09 7.94
C ILE B 205 20.68 -6.21 6.88
N VAL B 206 20.81 -5.79 5.64
CA VAL B 206 20.85 -6.67 4.46
C VAL B 206 22.28 -6.62 3.93
N VAL B 207 22.93 -7.78 3.79
CA VAL B 207 24.28 -7.80 3.26
C VAL B 207 24.14 -8.58 1.96
N GLY B 208 24.53 -7.97 0.85
CA GLY B 208 24.35 -8.59 -0.46
C GLY B 208 25.57 -8.57 -1.34
N ASN B 209 25.85 -7.43 -2.01
CA ASN B 209 27.01 -7.33 -2.89
C ASN B 209 28.31 -7.83 -2.26
N ALA B 210 28.52 -7.44 -1.03
CA ALA B 210 29.74 -7.78 -0.33
C ALA B 210 30.08 -9.30 -0.38
N VAL B 211 29.09 -10.18 -0.33
CA VAL B 211 29.27 -11.64 -0.37
C VAL B 211 30.09 -12.08 -1.61
N TYR B 212 29.89 -11.34 -2.70
CA TYR B 212 30.56 -11.61 -3.97
C TYR B 212 31.94 -10.94 -4.07
N GLU B 213 32.14 -9.81 -3.37
CA GLU B 213 33.41 -9.04 -3.38
C GLU B 213 34.42 -9.58 -2.38
N ASP B 214 34.05 -9.64 -1.11
CA ASP B 214 34.97 -10.20 -0.13
C ASP B 214 34.15 -11.07 0.81
N PHE B 215 33.99 -12.33 0.40
CA PHE B 215 33.18 -13.30 1.14
C PHE B 215 33.51 -13.47 2.61
N ASP B 216 34.76 -13.76 2.89
CA ASP B 216 35.10 -13.90 4.29
C ASP B 216 34.79 -12.68 5.12
N ARG B 217 34.99 -11.49 4.56
CA ARG B 217 34.73 -10.29 5.31
C ARG B 217 33.23 -10.12 5.49
N ALA B 218 32.47 -10.43 4.45
CA ALA B 218 31.02 -10.30 4.52
C ALA B 218 30.41 -11.30 5.49
N LEU B 219 31.02 -12.47 5.64
CA LEU B 219 30.47 -13.48 6.56
C LEU B 219 30.45 -12.97 8.00
N LYS B 220 31.43 -12.16 8.38
CA LYS B 220 31.53 -11.61 9.74
C LYS B 220 30.43 -10.63 10.09
N THR B 221 29.67 -10.19 9.11
CA THR B 221 28.56 -9.27 9.41
C THR B 221 27.56 -9.98 10.28
N VAL B 222 27.43 -11.32 10.18
CA VAL B 222 26.46 -11.96 11.05
C VAL B 222 26.89 -11.86 12.56
N ALA B 223 28.04 -12.43 12.90
CA ALA B 223 28.55 -12.40 14.28
C ALA B 223 28.60 -10.93 14.76
N ALA B 224 28.95 -10.03 13.83
CA ALA B 224 29.01 -8.62 14.12
C ALA B 224 27.70 -8.16 14.70
N VAL B 225 26.55 -8.66 14.24
CA VAL B 225 25.36 -8.14 14.92
C VAL B 225 24.59 -9.09 15.83
N LYS B 226 24.87 -10.38 15.79
CA LYS B 226 24.19 -11.38 16.64
C LYS B 226 25.12 -12.00 17.71
N GLY B 227 26.41 -11.76 17.57
CA GLY B 227 27.38 -12.33 18.47
C GLY B 227 27.45 -11.79 19.88
N GLU B 228 28.37 -12.36 20.66
CA GLU B 228 28.54 -12.01 22.07
C GLU B 228 28.95 -10.58 22.38
MG MG C . -19.67 14.42 15.65
CL CL D . -26.81 13.39 16.61
C1 FPS E . 16.09 -4.51 -5.74
S1 FPS E . 17.07 -6.08 -5.61
C2 FPS E . 14.60 -4.66 -6.01
C3 FPS E . 13.94 -4.12 -7.04
C4 FPS E . 14.57 -3.25 -8.10
C5 FPS E . 12.47 -4.41 -7.09
C6 FPS E . 11.71 -4.08 -8.39
C7 FPS E . 10.59 -5.04 -8.33
C8 FPS E . 9.31 -4.81 -8.16
C10 FPS E . 8.45 -6.07 -8.14
C9 FPS E . 8.70 -3.42 -7.98
C11 FPS E . 7.39 -6.07 -9.18
C12 FPS E . 6.30 -6.97 -8.66
C13 FPS E . 5.95 -8.10 -9.25
C14 FPS E . 6.66 -8.60 -10.51
C15 FPS E . 4.82 -8.92 -8.64
PA FPS E . 18.92 -5.52 -4.91
O1A FPS E . 19.88 -6.72 -4.85
O2A FPS E . 18.74 -4.95 -3.47
O3A FPS E . 19.54 -4.37 -5.92
PB FPS E . 20.43 -4.71 -7.32
O1B FPS E . 20.13 -6.10 -7.91
O2B FPS E . 20.06 -3.66 -8.41
O3B FPS E . 21.97 -4.72 -6.92
MG MG F . 14.46 -24.86 4.39
CL CL G . 12.80 -16.56 -17.17
#